data_8XGB
#
_entry.id   8XGB
#
_cell.length_a   156.421
_cell.length_b   156.421
_cell.length_c   80.934
_cell.angle_alpha   90.00
_cell.angle_beta   90.00
_cell.angle_gamma   120.00
#
_symmetry.space_group_name_H-M   'H 3'
#
loop_
_entity.id
_entity.type
_entity.pdbx_description
1 polymer 'Glutaminyl-peptide cyclotransferase'
2 non-polymer 'ZINC ION'
3 non-polymer (5~{S})-1-(3~{H}-benzimidazol-5-yl)-5-(4-propoxyphenyl)imidazolidin-2-one
4 water water
#
_entity_poly.entity_id   1
_entity_poly.type   'polypeptide(L)'
_entity_poly.pdbx_seq_one_letter_code
;ASASAWPEEKNYHQPAILNSSALRQIAEGTSISEMWQNDLQPLLIERYPGSPGSYAARQHIMQRIQRLQADWVLEIDTFL
SQTPYGYRSFSNIISTLNPTAKRHLVLACHYDSKYFSHWNNRVFVGATDSAVPCAMMLELARALDKKLLSLKTVSDSKPD
LSLQLIFFDGEEAFLHWSPQDSLYGSRHLAAKMASTPHPPGARGTSQLHGMDLLVLLDLIGAPNPTFPNFFPNSARWFER
LQAIEHELHELGLLKDHSLEGRYFQNYSYGGVIQDDHIPFLRRGVPVLHLIPSPFPEVWHTMDDNEENLDESTIDNLNKI
LQVFVLEYLHL
;
_entity_poly.pdbx_strand_id   B
#
loop_
_chem_comp.id
_chem_comp.type
_chem_comp.name
_chem_comp.formula
A1D49 non-polymer (5~{S})-1-(3~{H}-benzimidazol-5-yl)-5-(4-propoxyphenyl)imidazolidin-2-one 'C19 H20 N4 O2'
ZN non-polymer 'ZINC ION' 'Zn 2'
#
# COMPACT_ATOMS: atom_id res chain seq x y z
N ALA A 3 -10.69 -14.68 26.01
CA ALA A 3 -9.29 -14.62 26.46
C ALA A 3 -8.37 -14.50 25.27
N SER A 4 -8.90 -13.91 24.20
CA SER A 4 -8.12 -13.85 22.98
C SER A 4 -6.80 -13.16 23.24
N ALA A 5 -5.75 -13.95 23.43
CA ALA A 5 -4.41 -13.40 23.63
C ALA A 5 -3.86 -12.80 22.35
N TRP A 6 -3.81 -13.60 21.29
CA TRP A 6 -2.99 -13.28 20.13
C TRP A 6 -3.38 -11.99 19.41
N PRO A 7 -4.61 -11.44 19.58
CA PRO A 7 -4.86 -10.09 19.06
C PRO A 7 -3.93 -9.07 19.68
N GLU A 8 -3.83 -9.14 21.01
CA GLU A 8 -2.99 -8.32 21.86
C GLU A 8 -1.54 -8.21 21.40
N GLU A 9 -1.19 -8.87 20.30
CA GLU A 9 0.20 -9.14 19.95
C GLU A 9 0.82 -8.11 19.01
N LYS A 10 0.05 -7.06 18.65
CA LYS A 10 0.48 -5.94 17.81
C LYS A 10 0.62 -4.62 18.57
N ASN A 11 -0.03 -4.50 19.73
CA ASN A 11 0.31 -3.40 20.63
C ASN A 11 1.83 -3.29 20.83
N TYR A 12 2.47 -4.41 21.20
CA TYR A 12 3.83 -4.48 21.74
C TYR A 12 4.89 -4.99 20.76
N HIS A 13 4.50 -5.71 19.69
CA HIS A 13 5.42 -6.39 18.76
C HIS A 13 6.51 -5.45 18.26
N GLN A 14 7.80 -5.88 18.44
CA GLN A 14 9.05 -5.20 18.13
C GLN A 14 9.60 -5.54 16.77
N PRO A 15 10.51 -4.73 16.22
CA PRO A 15 11.10 -5.01 14.92
C PRO A 15 12.40 -5.80 14.93
N ALA A 16 12.47 -6.78 14.03
CA ALA A 16 13.70 -7.52 13.84
C ALA A 16 14.76 -6.69 13.07
N ILE A 17 15.41 -5.76 13.79
CA ILE A 17 16.31 -4.80 13.14
C ILE A 17 17.52 -5.46 12.49
N LEU A 18 17.66 -5.25 11.20
CA LEU A 18 18.72 -5.91 10.47
C LEU A 18 20.07 -5.21 10.72
N ASN A 19 21.13 -5.90 10.31
CA ASN A 19 22.50 -5.55 10.65
C ASN A 19 23.29 -5.14 9.43
N SER A 20 24.32 -4.33 9.69
CA SER A 20 24.87 -3.39 8.72
C SER A 20 24.77 -3.94 7.31
N SER A 21 25.37 -5.09 7.02
CA SER A 21 25.33 -5.59 5.65
C SER A 21 24.10 -6.44 5.31
N ALA A 22 23.14 -6.58 6.21
CA ALA A 22 21.85 -7.12 5.79
C ALA A 22 21.12 -6.16 4.87
N LEU A 23 20.99 -4.91 5.27
CA LEU A 23 20.46 -3.93 4.34
C LEU A 23 21.27 -3.94 3.05
N ARG A 24 22.60 -3.93 3.14
CA ARG A 24 23.39 -3.72 1.93
C ARG A 24 23.13 -4.74 0.85
N GLN A 25 22.40 -5.79 1.14
CA GLN A 25 21.85 -6.64 0.08
C GLN A 25 20.56 -6.06 -0.43
N ILE A 26 19.57 -5.93 0.45
CA ILE A 26 18.22 -5.46 0.16
C ILE A 26 18.35 -4.25 -0.77
N ALA A 27 19.35 -3.40 -0.56
CA ALA A 27 19.58 -2.28 -1.47
C ALA A 27 20.01 -2.74 -2.87
N GLU A 28 20.34 -4.01 -3.04
CA GLU A 28 20.74 -4.56 -4.33
C GLU A 28 19.85 -5.70 -4.78
N GLY A 29 19.02 -6.22 -3.88
CA GLY A 29 17.99 -7.14 -4.27
C GLY A 29 16.90 -6.49 -5.09
N THR A 30 16.61 -5.21 -4.78
CA THR A 30 15.57 -4.40 -5.43
C THR A 30 16.12 -3.61 -6.62
N SER A 31 15.46 -3.72 -7.76
CA SER A 31 15.88 -3.01 -8.96
C SER A 31 14.69 -2.29 -9.53
N ILE A 32 14.76 -0.95 -9.54
CA ILE A 32 13.62 -0.10 -9.94
C ILE A 32 13.22 -0.33 -11.40
N SER A 33 14.14 -0.14 -12.34
CA SER A 33 13.78 -0.19 -13.76
C SER A 33 12.87 -1.38 -14.06
N GLU A 34 13.36 -2.61 -13.85
CA GLU A 34 12.48 -3.75 -14.06
C GLU A 34 11.09 -3.30 -13.70
N MET A 35 10.83 -3.14 -12.39
CA MET A 35 9.50 -2.76 -11.92
C MET A 35 8.89 -1.73 -12.81
N TRP A 36 9.68 -0.71 -13.15
CA TRP A 36 9.15 0.42 -13.90
C TRP A 36 8.73 -0.03 -15.29
N GLN A 37 9.50 -0.96 -15.89
CA GLN A 37 9.09 -1.53 -17.19
C GLN A 37 8.00 -2.58 -17.00
N ASN A 38 8.13 -3.40 -15.98
CA ASN A 38 7.37 -4.61 -15.84
C ASN A 38 6.30 -4.51 -14.78
N ASP A 39 6.63 -4.01 -13.61
CA ASP A 39 5.60 -3.81 -12.60
C ASP A 39 4.68 -2.66 -13.05
N LEU A 40 5.25 -1.47 -13.27
CA LEU A 40 4.49 -0.24 -13.46
C LEU A 40 3.78 -0.27 -14.79
N GLN A 41 4.40 0.31 -15.85
CA GLN A 41 3.80 0.84 -17.07
C GLN A 41 2.61 0.11 -17.64
N PRO A 42 2.36 -1.15 -17.31
CA PRO A 42 1.06 -1.76 -17.63
C PRO A 42 -0.09 -1.30 -16.77
N LEU A 43 0.14 -0.43 -15.79
CA LEU A 43 -0.92 0.17 -14.98
C LEU A 43 -1.32 1.59 -15.49
N LEU A 44 -0.40 2.27 -16.18
CA LEU A 44 -0.61 3.59 -16.71
C LEU A 44 -1.52 3.60 -17.94
N ILE A 45 -2.78 3.25 -17.67
CA ILE A 45 -3.91 3.39 -18.58
C ILE A 45 -5.09 3.82 -17.69
N GLU A 46 -6.02 4.56 -18.26
CA GLU A 46 -7.30 4.79 -17.58
C GLU A 46 -7.70 3.51 -16.88
N ARG A 47 -8.21 3.58 -15.64
CA ARG A 47 -8.66 2.33 -15.03
C ARG A 47 -9.73 2.56 -14.01
N TYR A 48 -10.67 3.44 -14.29
CA TYR A 48 -11.74 3.60 -13.32
C TYR A 48 -12.60 2.32 -13.39
N PRO A 49 -13.53 2.14 -12.43
CA PRO A 49 -14.32 0.91 -12.36
C PRO A 49 -15.37 0.77 -13.46
N GLY A 50 -15.79 -0.47 -13.68
CA GLY A 50 -16.65 -0.81 -14.77
C GLY A 50 -16.01 -0.73 -16.14
N SER A 51 -14.90 -0.03 -16.29
CA SER A 51 -14.22 0.03 -17.56
C SER A 51 -13.35 -1.21 -17.77
N PRO A 52 -12.83 -1.36 -18.99
CA PRO A 52 -11.81 -2.40 -19.26
C PRO A 52 -10.46 -2.14 -18.60
N GLY A 53 -10.08 -0.88 -18.31
CA GLY A 53 -8.81 -0.60 -17.67
C GLY A 53 -8.74 -1.07 -16.22
N SER A 54 -9.88 -1.19 -15.55
CA SER A 54 -10.00 -1.98 -14.32
C SER A 54 -9.46 -3.37 -14.58
N TYR A 55 -10.36 -4.31 -14.86
CA TYR A 55 -10.02 -5.64 -15.39
C TYR A 55 -8.55 -5.73 -15.80
N ALA A 56 -8.16 -5.05 -16.88
CA ALA A 56 -6.80 -5.15 -17.34
C ALA A 56 -5.82 -4.84 -16.22
N ALA A 57 -6.09 -3.79 -15.46
CA ALA A 57 -5.29 -3.53 -14.26
C ALA A 57 -5.38 -4.72 -13.30
N ARG A 58 -6.55 -5.37 -13.22
CA ARG A 58 -6.72 -6.42 -12.25
C ARG A 58 -5.92 -7.64 -12.65
N GLN A 59 -5.88 -7.94 -13.94
CA GLN A 59 -5.14 -9.12 -14.36
C GLN A 59 -3.65 -8.90 -14.20
N HIS A 60 -3.13 -7.77 -14.69
CA HIS A 60 -1.70 -7.54 -14.64
C HIS A 60 -1.14 -7.54 -13.23
N ILE A 61 -1.97 -7.20 -12.26
CA ILE A 61 -1.57 -7.25 -10.87
C ILE A 61 -1.46 -8.69 -10.42
N MET A 62 -2.41 -9.50 -10.84
CA MET A 62 -2.50 -10.85 -10.30
C MET A 62 -1.42 -11.74 -10.89
N GLN A 63 -1.21 -11.65 -12.20
CA GLN A 63 -0.14 -12.39 -12.85
C GLN A 63 1.18 -12.15 -12.13
N ARG A 64 1.44 -10.90 -11.82
CA ARG A 64 2.59 -10.52 -11.02
C ARG A 64 2.40 -10.80 -9.55
N ILE A 65 1.30 -11.39 -9.13
CA ILE A 65 1.27 -12.07 -7.83
C ILE A 65 1.09 -13.59 -7.98
N GLN A 66 0.91 -14.08 -9.20
CA GLN A 66 1.00 -15.52 -9.44
C GLN A 66 2.39 -15.94 -9.89
N ARG A 67 3.05 -15.13 -10.72
CA ARG A 67 4.35 -15.53 -11.24
C ARG A 67 5.31 -15.94 -10.16
N LEU A 68 5.03 -15.58 -8.91
CA LEU A 68 6.00 -15.63 -7.83
C LEU A 68 6.11 -17.03 -7.22
N GLN A 69 7.28 -17.30 -6.63
CA GLN A 69 7.48 -18.61 -6.06
C GLN A 69 6.77 -18.71 -4.73
N ALA A 70 6.83 -17.64 -3.95
CA ALA A 70 5.99 -17.58 -2.75
C ALA A 70 4.57 -18.02 -3.06
N ASP A 71 3.81 -18.37 -2.03
CA ASP A 71 2.61 -19.19 -2.24
C ASP A 71 1.32 -18.38 -2.20
N TRP A 72 1.38 -17.10 -2.57
CA TRP A 72 0.24 -16.19 -2.52
C TRP A 72 -1.07 -16.89 -2.77
N VAL A 73 -2.11 -16.45 -2.06
CA VAL A 73 -3.48 -16.80 -2.37
C VAL A 73 -4.23 -15.51 -2.65
N LEU A 74 -4.55 -15.29 -3.92
CA LEU A 74 -5.23 -14.10 -4.37
C LEU A 74 -6.75 -14.31 -4.32
N GLU A 75 -7.45 -13.50 -3.50
CA GLU A 75 -8.88 -13.65 -3.31
C GLU A 75 -9.55 -12.34 -3.66
N ILE A 76 -10.70 -12.40 -4.34
CA ILE A 76 -11.39 -11.24 -4.89
C ILE A 76 -12.67 -10.93 -4.10
N ASP A 77 -12.99 -9.66 -4.08
CA ASP A 77 -14.14 -9.16 -3.33
C ASP A 77 -14.91 -8.26 -4.25
N THR A 78 -15.81 -8.88 -5.03
CA THR A 78 -16.62 -8.20 -6.02
C THR A 78 -17.97 -7.83 -5.46
N PHE A 79 -18.39 -6.62 -5.77
CA PHE A 79 -19.65 -6.19 -5.24
C PHE A 79 -20.23 -5.17 -6.19
N LEU A 80 -21.48 -4.85 -5.91
CA LEU A 80 -22.18 -3.78 -6.57
C LEU A 80 -22.52 -2.77 -5.52
N SER A 81 -22.41 -1.50 -5.88
CA SER A 81 -22.51 -0.44 -4.89
C SER A 81 -22.89 0.86 -5.59
N GLN A 82 -24.10 1.31 -5.33
CA GLN A 82 -24.68 2.50 -5.92
C GLN A 82 -23.67 3.64 -5.98
N THR A 83 -23.38 4.11 -7.16
CA THR A 83 -22.52 5.25 -7.43
C THR A 83 -23.31 6.30 -8.19
N PRO A 84 -22.85 7.60 -8.29
CA PRO A 84 -23.72 8.66 -8.85
C PRO A 84 -24.05 8.45 -10.32
N TYR A 85 -23.67 7.28 -10.82
CA TYR A 85 -23.93 6.79 -12.15
C TYR A 85 -24.58 5.42 -12.05
N GLY A 86 -25.32 5.19 -10.97
CA GLY A 86 -26.05 3.98 -10.73
C GLY A 86 -25.14 2.83 -10.39
N TYR A 87 -25.71 1.75 -9.85
CA TYR A 87 -24.95 0.61 -9.39
C TYR A 87 -23.83 0.25 -10.35
N ARG A 88 -22.81 -0.46 -9.89
CA ARG A 88 -21.73 -0.89 -10.76
C ARG A 88 -20.93 -1.92 -9.99
N SER A 89 -19.88 -2.44 -10.64
CA SER A 89 -19.22 -3.65 -10.18
C SER A 89 -17.77 -3.40 -9.83
N PHE A 90 -17.44 -3.55 -8.55
CA PHE A 90 -16.15 -3.25 -7.96
C PHE A 90 -15.52 -4.56 -7.51
N SER A 91 -14.20 -4.51 -7.30
CA SER A 91 -13.45 -5.70 -6.88
C SER A 91 -12.11 -5.37 -6.22
N ASN A 92 -12.04 -5.55 -4.91
CA ASN A 92 -10.74 -5.52 -4.27
C ASN A 92 -9.96 -6.76 -4.67
N ILE A 93 -8.65 -6.60 -4.84
CA ILE A 93 -7.66 -7.67 -4.84
C ILE A 93 -7.14 -7.91 -3.43
N ILE A 94 -6.93 -9.16 -3.09
CA ILE A 94 -6.25 -9.52 -1.84
C ILE A 94 -5.17 -10.56 -2.17
N SER A 95 -4.14 -10.62 -1.33
CA SER A 95 -2.95 -11.39 -1.66
C SER A 95 -2.27 -11.67 -0.32
N THR A 96 -2.71 -12.71 0.31
CA THR A 96 -2.35 -13.01 1.67
C THR A 96 -1.37 -14.15 1.55
N LEU A 97 -0.30 -14.06 2.28
CA LEU A 97 0.44 -15.28 2.57
C LEU A 97 -0.24 -15.94 3.75
N ASN A 98 -0.28 -17.26 3.72
CA ASN A 98 -0.77 -18.00 4.88
C ASN A 98 -1.99 -17.32 5.49
N PRO A 99 -3.20 -17.56 4.96
CA PRO A 99 -4.39 -16.78 5.33
C PRO A 99 -5.12 -17.30 6.55
N THR A 100 -4.63 -18.39 7.12
CA THR A 100 -5.05 -18.82 8.42
C THR A 100 -4.01 -18.43 9.48
N ALA A 101 -2.91 -17.81 9.06
CA ALA A 101 -2.04 -17.14 10.01
C ALA A 101 -2.85 -16.07 10.75
N LYS A 102 -2.73 -16.06 12.07
CA LYS A 102 -3.55 -15.19 12.89
C LYS A 102 -3.24 -13.72 12.64
N ARG A 103 -2.00 -13.39 12.30
CA ARG A 103 -1.56 -12.01 12.25
C ARG A 103 -0.97 -11.67 10.89
N HIS A 104 -1.44 -10.55 10.36
CA HIS A 104 -0.99 -10.03 9.09
C HIS A 104 -0.65 -8.57 9.21
N LEU A 105 0.64 -8.26 9.05
CA LEU A 105 1.03 -6.99 8.50
C LEU A 105 0.36 -6.85 7.14
N VAL A 106 -0.28 -5.70 6.90
CA VAL A 106 -1.05 -5.43 5.68
C VAL A 106 -0.41 -4.30 4.89
N LEU A 107 -0.50 -4.42 3.59
CA LEU A 107 -0.16 -3.35 2.66
C LEU A 107 -1.32 -3.20 1.69
N ALA A 108 -1.36 -2.04 1.06
CA ALA A 108 -2.63 -1.59 0.56
C ALA A 108 -2.33 -0.57 -0.53
N CYS A 109 -3.31 -0.37 -1.46
CA CYS A 109 -3.29 0.77 -2.38
C CYS A 109 -4.17 0.66 -3.63
N HIS A 110 -5.01 1.68 -3.80
CA HIS A 110 -6.14 1.66 -4.73
C HIS A 110 -5.61 1.60 -6.14
N TYR A 111 -5.99 0.52 -6.85
CA TYR A 111 -5.57 0.43 -8.25
C TYR A 111 -6.49 1.19 -9.20
N ASP A 112 -7.74 1.46 -8.78
CA ASP A 112 -8.60 2.24 -9.65
C ASP A 112 -7.96 3.59 -9.87
N SER A 113 -8.66 4.54 -10.49
CA SER A 113 -8.07 5.84 -10.75
C SER A 113 -9.22 6.74 -11.09
N LYS A 114 -9.11 7.98 -10.72
CA LYS A 114 -10.20 8.89 -10.93
C LYS A 114 -10.67 8.90 -12.39
N TYR A 115 -11.93 9.28 -12.52
CA TYR A 115 -12.62 9.48 -13.78
C TYR A 115 -12.50 10.93 -14.18
N PHE A 116 -11.70 11.20 -15.20
CA PHE A 116 -11.45 12.55 -15.73
C PHE A 116 -11.63 12.62 -17.23
N SER A 117 -12.69 13.32 -17.67
CA SER A 117 -13.00 13.69 -19.05
C SER A 117 -11.74 13.92 -19.90
N HIS A 118 -11.78 13.58 -21.19
CA HIS A 118 -10.50 13.50 -21.89
C HIS A 118 -10.04 14.90 -22.24
N TRP A 119 -9.97 15.78 -21.24
CA TRP A 119 -9.67 17.19 -21.50
C TRP A 119 -8.48 17.32 -22.42
N ASN A 120 -8.56 18.28 -23.34
CA ASN A 120 -7.57 18.47 -24.40
C ASN A 120 -7.22 17.17 -25.08
N ASN A 121 -8.16 16.24 -25.07
CA ASN A 121 -8.00 14.93 -25.72
C ASN A 121 -7.21 14.00 -24.82
N ARG A 122 -6.91 14.41 -23.59
CA ARG A 122 -6.03 13.64 -22.74
C ARG A 122 -6.80 12.94 -21.63
N VAL A 123 -6.17 11.89 -21.13
CA VAL A 123 -6.77 10.91 -20.23
C VAL A 123 -6.08 11.03 -18.87
N PHE A 124 -6.77 10.56 -17.82
CA PHE A 124 -6.14 10.47 -16.50
C PHE A 124 -5.94 9.03 -16.04
N VAL A 125 -4.65 8.61 -16.02
CA VAL A 125 -4.12 7.28 -15.72
C VAL A 125 -3.87 7.05 -14.25
N GLY A 126 -3.73 8.10 -13.44
CA GLY A 126 -3.29 8.05 -12.05
C GLY A 126 -1.84 7.66 -11.76
N ALA A 127 -0.85 8.47 -12.13
CA ALA A 127 0.56 8.09 -12.04
C ALA A 127 1.04 8.05 -10.59
N THR A 128 1.05 9.19 -9.91
CA THR A 128 1.23 9.14 -8.46
C THR A 128 0.04 8.48 -7.76
N ASP A 129 -1.14 8.60 -8.35
CA ASP A 129 -2.46 8.37 -7.74
C ASP A 129 -3.32 7.24 -8.37
N SER A 130 -2.93 5.96 -8.20
CA SER A 130 -1.79 5.51 -7.39
C SER A 130 -1.12 4.25 -8.01
N ALA A 131 -0.84 4.30 -9.33
CA ALA A 131 -0.19 3.14 -9.95
C ALA A 131 1.13 2.87 -9.31
N VAL A 132 1.69 3.84 -8.61
CA VAL A 132 3.02 3.74 -8.02
C VAL A 132 2.95 2.90 -6.76
N PRO A 133 2.10 3.20 -5.89
CA PRO A 133 1.83 2.28 -4.78
C PRO A 133 1.56 0.85 -5.15
N CYS A 134 0.58 0.56 -5.99
CA CYS A 134 0.42 -0.81 -6.54
C CYS A 134 1.69 -1.38 -7.11
N ALA A 135 2.40 -0.61 -7.95
CA ALA A 135 3.62 -1.10 -8.56
C ALA A 135 4.77 -1.11 -7.58
N MET A 136 4.76 -0.17 -6.62
CA MET A 136 5.61 -0.33 -5.45
C MET A 136 5.28 -1.63 -4.72
N MET A 137 4.02 -2.05 -4.75
CA MET A 137 3.56 -3.22 -4.01
C MET A 137 3.70 -4.50 -4.83
N LEU A 138 4.33 -4.41 -6.01
CA LEU A 138 4.70 -5.61 -6.74
C LEU A 138 6.18 -5.89 -6.59
N GLU A 139 7.04 -4.90 -6.67
CA GLU A 139 8.46 -5.23 -6.58
C GLU A 139 8.84 -5.52 -5.16
N LEU A 140 8.06 -5.10 -4.21
CA LEU A 140 8.23 -5.76 -2.96
C LEU A 140 8.16 -7.25 -3.23
N ALA A 141 6.94 -7.78 -3.26
CA ALA A 141 6.69 -9.19 -3.53
C ALA A 141 7.81 -9.89 -4.26
N ARG A 142 8.12 -9.39 -5.45
CA ARG A 142 9.22 -9.92 -6.24
C ARG A 142 10.51 -9.88 -5.50
N ALA A 143 10.88 -8.73 -4.97
CA ALA A 143 12.18 -8.69 -4.30
C ALA A 143 12.17 -9.69 -3.16
N LEU A 144 11.24 -9.56 -2.25
CA LEU A 144 11.01 -10.45 -1.13
C LEU A 144 10.42 -11.70 -1.52
N ASP A 145 10.43 -12.12 -2.78
CA ASP A 145 10.12 -13.50 -3.07
C ASP A 145 11.09 -14.41 -2.33
N LYS A 146 12.40 -14.21 -2.54
CA LYS A 146 13.42 -15.10 -1.95
C LYS A 146 13.22 -15.29 -0.46
N LYS A 147 12.81 -14.24 0.24
CA LYS A 147 12.72 -14.40 1.68
C LYS A 147 11.33 -14.81 2.15
N LEU A 148 10.28 -14.35 1.47
CA LEU A 148 8.92 -14.71 1.87
C LEU A 148 8.65 -16.18 1.72
N LEU A 149 9.51 -16.87 0.99
CA LEU A 149 9.27 -18.28 0.75
C LEU A 149 9.52 -19.06 2.03
N SER A 150 10.34 -18.52 2.91
CA SER A 150 10.54 -19.14 4.21
C SER A 150 9.28 -19.14 5.12
N LEU A 151 8.15 -18.59 4.67
CA LEU A 151 6.98 -18.34 5.50
C LEU A 151 5.95 -19.45 5.52
N LYS A 152 6.22 -20.58 4.83
CA LYS A 152 5.21 -21.58 4.36
C LYS A 152 4.35 -22.33 5.43
N PRO A 159 5.70 -17.02 16.26
CA PRO A 159 5.20 -15.67 16.17
C PRO A 159 4.34 -15.53 14.98
N ASP A 160 3.08 -15.93 15.15
CA ASP A 160 2.18 -16.29 14.04
C ASP A 160 1.81 -15.07 13.19
N LEU A 161 2.69 -14.72 12.24
CA LEU A 161 2.51 -13.44 11.53
C LEU A 161 3.16 -13.44 10.16
N SER A 162 2.38 -13.10 9.13
CA SER A 162 2.93 -13.07 7.77
C SER A 162 2.56 -11.76 7.11
N LEU A 163 2.12 -11.81 5.86
CA LEU A 163 1.98 -10.62 5.02
C LEU A 163 0.68 -10.81 4.30
N GLN A 164 0.30 -9.79 3.53
CA GLN A 164 -0.99 -9.69 2.87
C GLN A 164 -0.97 -8.43 2.06
N LEU A 165 -1.53 -8.47 0.90
CA LEU A 165 -1.54 -7.28 0.04
C LEU A 165 -2.94 -7.02 -0.50
N ILE A 166 -3.42 -5.77 -0.39
CA ILE A 166 -4.78 -5.43 -0.82
C ILE A 166 -4.68 -4.42 -1.94
N PHE A 167 -5.72 -4.36 -2.77
CA PHE A 167 -5.80 -3.35 -3.82
C PHE A 167 -7.23 -2.91 -3.98
N PHE A 168 -7.41 -1.61 -3.90
CA PHE A 168 -8.72 -1.04 -3.74
C PHE A 168 -9.26 -0.59 -5.05
N ASP A 169 -10.59 -0.60 -5.09
CA ASP A 169 -11.33 -0.02 -6.17
C ASP A 169 -12.15 1.13 -5.60
N GLY A 170 -12.31 2.16 -6.45
CA GLY A 170 -13.04 3.34 -6.10
C GLY A 170 -12.54 3.66 -4.73
N GLU A 171 -11.32 4.18 -4.64
CA GLU A 171 -11.03 5.02 -3.50
C GLU A 171 -11.67 6.34 -3.72
N GLU A 172 -11.27 6.97 -4.83
CA GLU A 172 -11.70 8.25 -5.32
C GLU A 172 -13.20 8.42 -5.23
N ALA A 173 -13.76 9.32 -6.02
CA ALA A 173 -15.18 9.49 -6.04
C ALA A 173 -15.51 9.83 -7.48
N PHE A 174 -16.70 9.43 -7.96
CA PHE A 174 -17.00 9.71 -9.36
C PHE A 174 -17.08 11.21 -9.59
N LEU A 175 -17.85 11.88 -8.76
CA LEU A 175 -18.18 13.24 -9.00
C LEU A 175 -17.67 14.11 -7.86
N HIS A 176 -18.15 13.89 -6.65
CA HIS A 176 -17.75 14.77 -5.56
C HIS A 176 -17.59 13.90 -4.35
N TRP A 177 -16.33 13.61 -3.96
CA TRP A 177 -16.03 13.00 -2.68
C TRP A 177 -17.24 13.06 -1.80
N SER A 178 -17.61 12.02 -1.13
CA SER A 178 -18.47 12.25 0.03
C SER A 178 -18.56 10.90 0.68
N PRO A 179 -19.21 10.78 1.84
CA PRO A 179 -19.38 9.47 2.50
C PRO A 179 -20.30 8.49 1.80
N GLN A 180 -20.87 8.81 0.65
CA GLN A 180 -21.62 7.85 -0.12
C GLN A 180 -21.05 7.64 -1.51
N ASP A 181 -20.13 8.50 -1.93
CA ASP A 181 -19.50 8.46 -3.24
C ASP A 181 -17.99 8.58 -3.10
N SER A 182 -17.38 7.77 -2.21
CA SER A 182 -15.92 7.71 -2.06
C SER A 182 -15.50 6.47 -1.28
N LEU A 183 -14.32 5.96 -1.59
CA LEU A 183 -13.78 4.78 -0.93
C LEU A 183 -14.82 3.70 -0.95
N TYR A 184 -15.10 3.25 -2.13
CA TYR A 184 -16.07 2.19 -2.26
C TYR A 184 -15.47 0.85 -1.91
N GLY A 185 -14.33 0.52 -2.52
CA GLY A 185 -13.54 -0.61 -2.12
C GLY A 185 -13.52 -0.73 -0.61
N SER A 186 -12.59 -0.03 0.07
CA SER A 186 -12.41 -0.12 1.52
C SER A 186 -13.69 -0.26 2.34
N ARG A 187 -14.58 0.72 2.25
CA ARG A 187 -15.81 0.75 3.01
C ARG A 187 -16.46 -0.64 3.04
N HIS A 188 -16.47 -1.37 1.92
CA HIS A 188 -17.27 -2.57 1.78
C HIS A 188 -16.60 -3.74 2.43
N LEU A 189 -15.29 -3.68 2.43
CA LEU A 189 -14.44 -4.78 2.83
C LEU A 189 -14.37 -4.75 4.34
N ALA A 190 -13.72 -3.71 4.87
CA ALA A 190 -13.64 -3.34 6.27
C ALA A 190 -14.94 -3.62 7.02
N ALA A 191 -16.07 -3.41 6.34
CA ALA A 191 -17.31 -4.00 6.75
C ALA A 191 -17.07 -5.48 6.85
N LYS A 192 -17.04 -6.15 5.71
CA LYS A 192 -16.94 -7.62 5.70
C LYS A 192 -15.89 -8.15 6.65
N MET A 193 -14.66 -7.66 6.51
CA MET A 193 -13.57 -8.21 7.29
C MET A 193 -13.77 -8.04 8.78
N ALA A 194 -14.79 -7.35 9.21
CA ALA A 194 -15.18 -7.38 10.61
C ALA A 194 -16.23 -8.44 10.86
N SER A 195 -16.82 -8.99 9.81
CA SER A 195 -17.88 -9.98 9.93
C SER A 195 -17.42 -11.41 9.65
N THR A 196 -16.32 -11.59 8.91
CA THR A 196 -15.62 -12.84 8.58
C THR A 196 -14.70 -13.40 9.68
N PRO A 197 -15.20 -14.19 10.67
CA PRO A 197 -14.40 -14.44 11.88
C PRO A 197 -13.02 -14.97 11.53
N HIS A 198 -12.07 -14.95 12.45
CA HIS A 198 -10.72 -15.29 12.03
C HIS A 198 -9.70 -15.52 13.14
N PRO A 199 -9.09 -16.74 13.19
CA PRO A 199 -9.09 -17.65 12.04
C PRO A 199 -10.44 -18.33 11.86
N PRO A 200 -10.58 -19.05 10.74
CA PRO A 200 -11.87 -19.66 10.44
C PRO A 200 -12.38 -20.43 11.63
N GLY A 201 -13.50 -20.00 12.22
CA GLY A 201 -14.06 -20.66 13.39
C GLY A 201 -13.97 -19.84 14.65
N ALA A 202 -13.01 -18.92 14.73
CA ALA A 202 -12.86 -18.13 15.94
C ALA A 202 -14.16 -17.49 16.31
N ARG A 203 -14.58 -17.68 17.55
CA ARG A 203 -15.93 -17.31 17.97
C ARG A 203 -15.99 -15.89 18.55
N GLY A 204 -14.88 -15.16 18.63
CA GLY A 204 -14.91 -13.83 19.17
C GLY A 204 -13.93 -12.90 18.50
N THR A 205 -13.34 -13.30 17.37
CA THR A 205 -12.36 -12.49 16.66
C THR A 205 -12.58 -12.52 15.16
N SER A 206 -12.35 -11.37 14.51
CA SER A 206 -12.57 -11.13 13.09
C SER A 206 -11.28 -10.71 12.40
N GLN A 207 -11.17 -11.07 11.11
CA GLN A 207 -9.91 -10.92 10.38
C GLN A 207 -9.18 -9.67 10.78
N LEU A 208 -9.89 -8.56 10.79
CA LEU A 208 -9.33 -7.36 11.38
C LEU A 208 -8.61 -7.67 12.65
N HIS A 209 -9.19 -8.51 13.50
CA HIS A 209 -8.53 -8.82 14.76
C HIS A 209 -7.12 -9.27 14.59
N GLY A 210 -6.73 -9.64 13.36
CA GLY A 210 -5.37 -10.04 13.08
C GLY A 210 -4.63 -9.00 12.26
N MET A 211 -5.34 -8.03 11.74
CA MET A 211 -4.64 -7.10 10.89
C MET A 211 -3.66 -6.30 11.71
N ASP A 212 -2.45 -6.86 11.79
CA ASP A 212 -1.42 -6.28 12.64
C ASP A 212 -1.33 -4.78 12.44
N LEU A 213 -1.45 -4.32 11.20
CA LEU A 213 -0.92 -3.03 10.80
C LEU A 213 -1.25 -2.71 9.36
N LEU A 214 -1.83 -1.55 9.13
CA LEU A 214 -2.28 -1.16 7.81
C LEU A 214 -1.32 -0.10 7.30
N VAL A 215 -0.22 -0.56 6.70
CA VAL A 215 0.64 0.34 5.97
C VAL A 215 -0.04 0.71 4.67
N LEU A 216 -0.56 1.93 4.58
CA LEU A 216 -1.12 2.43 3.34
C LEU A 216 -0.13 3.34 2.62
N LEU A 217 -0.02 3.16 1.29
CA LEU A 217 0.75 3.93 0.32
C LEU A 217 -0.21 4.57 -0.64
N ASP A 218 0.18 5.70 -1.27
CA ASP A 218 -0.79 6.49 -2.07
C ASP A 218 -0.29 7.89 -2.42
N LEU A 219 -0.15 8.17 -3.70
CA LEU A 219 0.24 9.49 -4.19
C LEU A 219 1.76 9.55 -4.20
N ILE A 220 2.32 8.45 -4.65
CA ILE A 220 3.75 8.24 -4.60
C ILE A 220 4.30 8.26 -6.00
N GLY A 221 5.42 8.96 -6.20
CA GLY A 221 6.10 9.04 -7.51
C GLY A 221 6.70 10.40 -7.86
N ALA A 222 6.51 11.43 -7.06
CA ALA A 222 7.08 12.73 -7.38
C ALA A 222 8.25 13.12 -6.46
N PRO A 223 9.15 14.02 -6.87
CA PRO A 223 10.29 14.34 -6.03
C PRO A 223 9.92 15.05 -4.75
N ASN A 224 10.83 15.01 -3.79
CA ASN A 224 10.67 15.72 -2.53
C ASN A 224 9.28 15.51 -1.91
N PRO A 225 8.92 14.27 -1.60
CA PRO A 225 7.74 14.01 -0.79
C PRO A 225 7.93 14.35 0.68
N THR A 226 6.81 14.55 1.36
CA THR A 226 6.85 14.99 2.74
C THR A 226 5.84 14.18 3.55
N PHE A 227 6.31 13.18 4.29
CA PHE A 227 5.35 12.33 4.99
C PHE A 227 5.22 12.70 6.45
N PRO A 228 4.12 13.32 6.86
CA PRO A 228 3.86 13.57 8.27
C PRO A 228 3.72 12.28 9.04
N ASN A 229 3.76 12.40 10.37
CA ASN A 229 3.57 11.29 11.30
C ASN A 229 2.17 11.32 11.94
N PHE A 230 1.16 11.12 11.10
CA PHE A 230 -0.22 11.40 11.48
C PHE A 230 -0.57 10.88 12.88
N PHE A 231 -0.20 9.65 13.21
CA PHE A 231 -0.95 9.15 14.33
C PHE A 231 -0.05 8.93 15.55
N PRO A 232 -0.62 9.09 16.74
CA PRO A 232 0.08 8.69 17.97
C PRO A 232 0.19 7.20 18.20
N ASN A 233 -0.82 6.42 17.82
CA ASN A 233 -0.77 4.96 17.96
C ASN A 233 -0.03 4.26 16.75
N SER A 234 0.93 4.95 16.13
CA SER A 234 1.70 4.31 15.07
C SER A 234 2.91 5.14 14.69
N ALA A 235 3.16 6.17 15.49
CA ALA A 235 4.46 6.80 15.60
C ALA A 235 5.58 5.77 15.62
N ARG A 236 5.67 4.96 16.69
CA ARG A 236 6.78 4.04 16.86
C ARG A 236 7.02 3.19 15.63
N TRP A 237 6.02 3.07 14.78
CA TRP A 237 6.21 2.47 13.46
C TRP A 237 6.49 3.48 12.35
N PHE A 238 6.07 4.76 12.54
CA PHE A 238 6.57 5.87 11.73
C PHE A 238 8.05 6.10 11.97
N GLU A 239 8.40 6.27 13.25
CA GLU A 239 9.79 6.44 13.61
C GLU A 239 10.64 5.38 12.94
N ARG A 240 10.28 4.11 13.15
CA ARG A 240 10.91 3.00 12.45
C ARG A 240 11.28 3.39 11.01
N LEU A 241 10.38 4.07 10.32
CA LEU A 241 10.61 4.39 8.92
C LEU A 241 11.58 5.54 8.71
N GLN A 242 11.73 6.39 9.71
CA GLN A 242 12.72 7.45 9.65
C GLN A 242 14.09 6.89 9.90
N ALA A 243 14.22 6.20 11.04
CA ALA A 243 15.44 5.48 11.36
C ALA A 243 15.98 4.79 10.12
N ILE A 244 15.24 3.81 9.59
CA ILE A 244 15.75 3.06 8.44
C ILE A 244 16.33 4.03 7.44
N GLU A 245 15.54 5.05 7.11
CA GLU A 245 16.01 6.08 6.21
C GLU A 245 17.33 6.66 6.72
N HIS A 246 17.37 7.06 8.01
CA HIS A 246 18.54 7.80 8.48
C HIS A 246 19.79 7.08 8.05
N GLU A 247 19.84 5.81 8.32
CA GLU A 247 21.16 5.23 8.23
C GLU A 247 21.46 4.76 6.81
N LEU A 248 20.52 4.07 6.17
CA LEU A 248 20.61 3.82 4.74
C LEU A 248 21.30 4.98 4.06
N HIS A 249 20.80 6.19 4.34
CA HIS A 249 21.44 7.41 3.84
C HIS A 249 22.92 7.47 4.20
N GLU A 250 23.25 7.35 5.51
CA GLU A 250 24.62 7.51 6.03
C GLU A 250 25.53 6.32 5.69
N LEU A 251 24.99 5.24 5.13
CA LEU A 251 25.80 4.17 4.55
C LEU A 251 26.15 4.40 3.08
N GLY A 252 25.29 5.07 2.31
CA GLY A 252 25.55 5.33 0.90
C GLY A 252 24.61 4.60 -0.04
N LEU A 253 23.52 4.04 0.48
CA LEU A 253 22.61 3.19 -0.28
C LEU A 253 21.44 3.95 -0.88
N LEU A 254 21.40 5.28 -0.78
CA LEU A 254 20.28 6.01 -1.34
C LEU A 254 20.78 6.83 -2.53
N LYS A 255 19.84 7.46 -3.24
CA LYS A 255 20.08 8.09 -4.55
C LYS A 255 19.42 9.47 -4.60
N ASP A 256 20.25 10.52 -4.70
CA ASP A 256 19.80 11.92 -4.68
C ASP A 256 18.86 12.16 -3.50
N HIS A 257 19.50 12.23 -2.34
CA HIS A 257 18.84 12.26 -1.04
C HIS A 257 19.72 13.07 -0.07
N SER A 258 19.06 13.91 0.72
CA SER A 258 19.72 14.79 1.68
C SER A 258 19.03 14.81 3.04
N LEU A 259 19.84 14.81 4.10
CA LEU A 259 19.32 14.83 5.46
C LEU A 259 18.21 15.87 5.59
N GLU A 260 18.50 17.07 5.12
CA GLU A 260 17.52 18.16 5.18
C GLU A 260 16.24 17.75 4.44
N GLY A 261 16.42 17.22 3.21
CA GLY A 261 15.32 16.84 2.34
C GLY A 261 14.99 15.37 2.46
N ARG A 262 14.74 14.96 3.72
CA ARG A 262 14.23 13.65 4.10
C ARG A 262 12.72 13.58 3.83
N TYR A 263 12.18 12.36 3.92
CA TYR A 263 10.85 12.06 3.39
C TYR A 263 9.84 12.03 4.53
N PHE A 264 10.02 11.11 5.45
CA PHE A 264 9.23 11.08 6.65
C PHE A 264 9.70 12.21 7.54
N GLN A 265 8.80 12.74 8.34
CA GLN A 265 9.16 13.83 9.24
C GLN A 265 8.36 13.67 10.51
N ASN A 266 9.07 13.63 11.62
CA ASN A 266 8.40 13.44 12.90
C ASN A 266 7.75 14.73 13.38
N TYR A 267 7.25 15.53 12.42
CA TYR A 267 6.46 16.75 12.71
C TYR A 267 4.97 16.46 12.50
N SER A 268 4.28 16.00 13.54
CA SER A 268 2.83 16.03 13.48
C SER A 268 2.42 17.41 12.99
N TYR A 269 1.16 17.56 12.56
CA TYR A 269 0.72 18.75 11.82
C TYR A 269 -0.80 18.93 11.96
N GLY A 270 -1.35 19.86 11.17
CA GLY A 270 -2.77 20.15 11.11
C GLY A 270 -3.73 19.04 11.43
N GLY A 271 -3.85 18.04 10.55
CA GLY A 271 -4.87 17.06 10.80
C GLY A 271 -4.93 15.89 9.85
N VAL A 272 -6.15 15.37 9.65
CA VAL A 272 -6.40 14.07 9.04
C VAL A 272 -6.49 14.21 7.54
N ILE A 273 -6.07 13.17 6.82
CA ILE A 273 -6.37 13.03 5.38
C ILE A 273 -7.07 11.71 5.17
N GLN A 274 -8.38 11.77 5.03
CA GLN A 274 -9.20 10.57 4.92
C GLN A 274 -8.87 9.80 3.65
N ASP A 275 -8.62 8.50 3.82
CA ASP A 275 -8.25 7.58 2.75
C ASP A 275 -8.75 6.22 3.18
N ASP A 276 -8.41 5.19 2.39
CA ASP A 276 -9.03 3.88 2.52
C ASP A 276 -8.61 3.12 3.77
N HIS A 277 -7.58 3.57 4.46
CA HIS A 277 -7.41 3.09 5.81
C HIS A 277 -8.65 3.38 6.66
N ILE A 278 -9.53 4.26 6.23
CA ILE A 278 -10.37 4.87 7.23
C ILE A 278 -11.33 3.80 7.74
N PRO A 279 -12.07 3.11 6.89
CA PRO A 279 -13.17 2.30 7.44
C PRO A 279 -12.70 1.29 8.45
N PHE A 280 -11.45 0.86 8.32
CA PHE A 280 -10.81 -0.03 9.29
C PHE A 280 -10.51 0.72 10.55
N LEU A 281 -9.72 1.80 10.40
CA LEU A 281 -9.41 2.76 11.47
C LEU A 281 -10.65 3.42 12.10
N ARG A 282 -11.67 3.74 11.33
CA ARG A 282 -12.89 4.06 12.03
C ARG A 282 -13.58 2.80 12.74
N ARG A 283 -12.81 1.67 12.72
CA ARG A 283 -13.17 0.46 13.43
C ARG A 283 -12.12 -0.06 14.39
N GLY A 284 -10.90 0.46 14.35
CA GLY A 284 -9.98 0.31 15.47
C GLY A 284 -8.72 -0.47 15.17
N VAL A 285 -8.16 -0.21 13.99
CA VAL A 285 -6.96 -0.90 13.51
C VAL A 285 -5.84 0.14 13.50
N PRO A 286 -4.58 -0.28 13.72
CA PRO A 286 -3.45 0.60 13.46
C PRO A 286 -3.18 0.69 11.98
N VAL A 287 -3.02 1.91 11.52
CA VAL A 287 -2.70 2.22 10.14
C VAL A 287 -1.24 2.65 10.13
N LEU A 288 -0.59 2.50 8.98
CA LEU A 288 0.64 3.24 8.72
C LEU A 288 0.50 3.91 7.36
N HIS A 289 -0.32 4.97 7.35
CA HIS A 289 -0.78 5.70 6.18
C HIS A 289 0.36 6.50 5.62
N LEU A 290 0.72 6.25 4.37
CA LEU A 290 1.93 6.82 3.79
C LEU A 290 1.54 7.76 2.65
N ILE A 291 1.01 8.92 3.04
CA ILE A 291 0.49 9.96 2.12
C ILE A 291 1.16 11.33 2.29
N PRO A 292 1.97 11.80 1.33
CA PRO A 292 2.67 13.07 1.51
C PRO A 292 1.73 14.21 1.79
N SER A 293 2.27 15.26 2.40
CA SER A 293 1.50 16.47 2.66
C SER A 293 2.49 17.61 2.66
N PRO A 294 2.56 18.41 1.56
CA PRO A 294 1.76 18.52 0.33
C PRO A 294 1.73 17.35 -0.65
N PHE A 295 0.57 17.18 -1.30
CA PHE A 295 0.42 16.19 -2.34
C PHE A 295 1.37 16.61 -3.43
N PRO A 296 1.50 15.84 -4.50
CA PRO A 296 2.30 16.33 -5.62
C PRO A 296 1.59 17.51 -6.28
N GLU A 297 2.39 18.33 -6.95
CA GLU A 297 1.86 19.53 -7.58
C GLU A 297 1.03 19.19 -8.78
N VAL A 298 0.98 17.92 -9.18
CA VAL A 298 0.13 17.50 -10.27
C VAL A 298 -1.23 16.93 -9.79
N TRP A 299 -1.34 16.48 -8.53
CA TRP A 299 -2.51 15.78 -8.00
C TRP A 299 -3.81 16.08 -8.76
N HIS A 300 -4.39 15.03 -9.38
CA HIS A 300 -5.60 15.05 -10.23
C HIS A 300 -5.49 16.03 -11.38
N THR A 301 -4.47 15.85 -12.21
CA THR A 301 -4.39 16.55 -13.48
C THR A 301 -3.94 15.62 -14.59
N MET A 302 -4.20 16.02 -15.81
CA MET A 302 -3.61 15.28 -16.93
C MET A 302 -2.12 15.62 -16.99
N ASP A 303 -1.48 15.84 -15.84
CA ASP A 303 -0.02 15.93 -15.77
C ASP A 303 0.63 14.98 -14.75
N ASP A 304 -0.11 14.47 -13.78
CA ASP A 304 0.03 13.13 -13.26
C ASP A 304 0.28 12.09 -14.37
N ASN A 305 1.30 12.30 -15.22
CA ASN A 305 1.66 11.27 -16.17
C ASN A 305 2.94 10.57 -15.68
N GLU A 306 3.58 9.78 -16.55
CA GLU A 306 4.78 9.04 -16.17
C GLU A 306 5.97 9.98 -16.10
N GLU A 307 6.08 10.92 -17.05
CA GLU A 307 7.27 11.76 -17.01
C GLU A 307 7.42 12.37 -15.65
N ASN A 308 6.37 13.01 -15.17
CA ASN A 308 6.44 13.78 -13.92
C ASN A 308 6.68 12.89 -12.73
N LEU A 309 7.25 11.71 -12.96
CA LEU A 309 7.72 10.86 -11.87
C LEU A 309 9.19 11.13 -11.59
N ASP A 310 9.66 10.54 -10.50
CA ASP A 310 11.05 10.61 -10.09
C ASP A 310 11.52 9.19 -9.84
N GLU A 311 12.41 8.70 -10.69
CA GLU A 311 12.95 7.39 -10.44
C GLU A 311 13.60 7.36 -9.07
N SER A 312 14.58 8.22 -8.87
CA SER A 312 15.44 8.04 -7.74
C SER A 312 14.63 7.95 -6.45
N THR A 313 13.47 8.60 -6.40
CA THR A 313 12.69 8.69 -5.16
C THR A 313 12.05 7.36 -4.81
N ILE A 314 11.29 6.83 -5.74
CA ILE A 314 10.61 5.58 -5.44
C ILE A 314 11.64 4.47 -5.21
N ASP A 315 12.64 4.37 -6.09
CA ASP A 315 13.78 3.52 -5.81
C ASP A 315 14.15 3.64 -4.33
N ASN A 316 14.49 4.86 -3.86
CA ASN A 316 14.77 5.10 -2.44
C ASN A 316 13.59 4.69 -1.56
N LEU A 317 12.38 5.05 -1.97
CA LEU A 317 11.23 4.71 -1.17
C LEU A 317 10.88 3.25 -1.30
N ASN A 318 11.41 2.61 -2.34
CA ASN A 318 11.30 1.16 -2.49
C ASN A 318 12.10 0.44 -1.43
N LYS A 319 13.37 0.78 -1.33
CA LYS A 319 14.28 0.15 -0.40
C LYS A 319 13.73 0.17 1.03
N ILE A 320 13.20 1.32 1.44
CA ILE A 320 12.77 1.53 2.83
C ILE A 320 11.62 0.62 3.21
N LEU A 321 10.69 0.41 2.30
CA LEU A 321 9.50 -0.30 2.70
C LEU A 321 9.75 -1.79 2.70
N GLN A 322 10.66 -2.26 1.88
CA GLN A 322 11.01 -3.67 1.95
C GLN A 322 11.74 -3.97 3.25
N VAL A 323 12.77 -3.19 3.58
CA VAL A 323 13.46 -3.33 4.86
C VAL A 323 12.48 -3.33 6.02
N PHE A 324 11.59 -2.33 6.06
CA PHE A 324 10.73 -2.14 7.21
C PHE A 324 9.99 -3.42 7.54
N VAL A 325 9.48 -4.08 6.51
CA VAL A 325 8.62 -5.22 6.72
C VAL A 325 9.43 -6.41 7.21
N LEU A 326 10.57 -6.64 6.59
CA LEU A 326 11.49 -7.71 6.96
C LEU A 326 11.73 -7.71 8.47
N GLU A 327 12.43 -6.69 8.93
CA GLU A 327 12.45 -6.34 10.35
C GLU A 327 11.10 -6.63 11.01
N TYR A 328 10.01 -6.14 10.41
CA TYR A 328 8.71 -6.36 11.02
C TYR A 328 8.38 -7.83 11.15
N LEU A 329 8.29 -8.53 10.02
CA LEU A 329 7.94 -9.94 10.05
C LEU A 329 8.96 -10.75 10.83
N HIS A 330 10.19 -10.25 10.97
CA HIS A 330 11.30 -10.80 11.75
C HIS A 330 12.22 -11.62 10.84
N LEU A 331 12.14 -11.39 9.53
CA LEU A 331 12.84 -12.17 8.47
C LEU A 331 14.09 -11.53 7.81
ZN ZN B . -7.00 10.91 -6.27
C01 A1D49 C . -1.78 20.19 -2.83
C02 A1D49 C . -3.03 19.36 -2.99
C03 A1D49 C . -3.87 19.58 -1.78
O04 A1D49 C . -5.19 19.27 -2.10
C05 A1D49 C . -5.82 18.37 -1.28
C06 A1D49 C . -6.27 17.22 -1.81
C07 A1D49 C . -6.88 16.28 -1.07
C08 A1D49 C . -7.09 16.50 0.25
C09 A1D49 C . -6.61 17.67 0.81
C10 A1D49 C . -5.98 18.62 0.04
C11 A1D49 C . -7.75 15.40 1.09
C12 A1D49 C . -8.19 15.93 2.42
N13 A1D49 C . -9.49 15.44 2.68
C14 A1D49 C . -9.88 14.71 1.48
O15 A1D49 C . -10.91 14.20 1.36
N16 A1D49 C . -8.85 14.71 0.46
C17 A1D49 C . -8.88 13.95 -0.79
C18 A1D49 C . -9.68 14.16 -1.89
C19 A1D49 C . -9.58 13.32 -3.00
C20 A1D49 C . -8.67 12.22 -3.03
N21 A1D49 C . -8.36 11.24 -3.96
C22 A1D49 C . -7.44 10.47 -3.45
N23 A1D49 C . -7.15 10.89 -2.25
C24 A1D49 C . -7.89 11.99 -1.96
C25 A1D49 C . -8.01 12.86 -0.85
H011 A1D49 C . -1.25 20.11 -3.59
H012 A1D49 C . -1.32 19.90 -2.06
H013 A1D49 C . -2.03 21.09 -2.71
H022 A1D49 C . -3.50 19.62 -3.76
H021 A1D49 C . -2.81 18.45 -3.05
H032 A1D49 C . -3.51 19.06 -1.09
H031 A1D49 C . -3.83 20.48 -1.54
H061 A1D49 C . -6.15 17.07 -2.72
H071 A1D49 C . -7.16 15.52 -1.48
H091 A1D49 C . -6.73 17.82 1.72
H101 A1D49 C . -5.68 19.40 0.41
H111 A1D49 C . -7.11 14.75 1.26
H121 A1D49 C . -7.64 15.51 3.06
H122 A1D49 C . -8.28 16.84 2.37
H131 A1D49 C . -9.99 15.60 3.37
H181 A1D49 C . -10.27 14.87 -1.90
H191 A1D49 C . -10.11 13.48 -3.73
H221 A1D49 C . -7.06 9.75 -3.87
H231 A1D49 C . -6.55 10.54 -1.73
H251 A1D49 C . -7.48 12.71 -0.10
#